data_5E1O
#
_entry.id   5E1O
#
_cell.length_a   107.450
_cell.length_b   107.450
_cell.length_c   206.388
_cell.angle_alpha   90.000
_cell.angle_beta   90.000
_cell.angle_gamma   120.000
#
_symmetry.space_group_name_H-M   'P 65 2 2'
#
loop_
_entity.id
_entity.type
_entity.pdbx_description
1 polymer 'N-terminal Xaa-Pro-Lys N-methyltransferase 1'
2 polymer RCC1
3 non-polymer S-ADENOSYL-L-HOMOCYSTEINE
4 non-polymer GLYCEROL
5 non-polymer 'UNKNOWN ATOM OR ION'
6 water water
#
loop_
_entity_poly.entity_id
_entity_poly.type
_entity_poly.pdbx_seq_one_letter_code
_entity_poly.pdbx_strand_id
1 'polypeptide(L)'
;MGSSHHHHHHSSGLVPRGSTSEVIEDEKQFYSKAKTYWKQIPPTVDGMLGGYGHISSIDINSSRKFLQRFLREGPNKTGT
SCALDCGAGIGRITKRLLLPLFREVDMVDITEDFLVQAKTYLGEEGKRVRNYFCCGLQDFTPEPDSYDVIWIQWVIGHLT
DQHLAEFLRRCKGSLRPNGIIVIKDNMAQEGVILDDVDSSVCRDLDVVRRIICSAGLSLLAEERQENLPDEIYHVYSFAL
R
;
A,B
2 'polypeptide(L)' RPKRIA D,E
#
# COMPACT_ATOMS: atom_id res chain seq x y z
N VAL A 15 12.12 -15.37 34.45
CA VAL A 15 10.78 -14.90 34.12
C VAL A 15 10.84 -13.95 32.90
N PRO A 16 9.73 -13.87 32.14
CA PRO A 16 9.68 -12.67 31.29
C PRO A 16 9.46 -11.41 32.13
N ARG A 17 9.83 -10.30 31.54
CA ARG A 17 9.62 -9.01 32.15
C ARG A 17 8.15 -8.65 31.99
N GLY A 18 7.56 -7.95 32.99
CA GLY A 18 6.19 -7.50 32.88
C GLY A 18 6.02 -6.01 32.96
N SER A 19 7.06 -5.28 33.26
CA SER A 19 6.95 -3.86 33.15
C SER A 19 8.18 -3.12 32.66
N THR A 20 7.89 -1.90 32.20
CA THR A 20 8.96 -1.08 31.64
C THR A 20 10.02 -0.74 32.63
N SER A 21 9.69 -0.69 33.93
CA SER A 21 10.73 -0.50 34.95
C SER A 21 11.73 -1.61 35.08
N GLU A 22 11.45 -2.79 34.48
CA GLU A 22 12.45 -3.85 34.37
C GLU A 22 13.42 -3.69 33.19
N VAL A 23 13.05 -2.90 32.19
CA VAL A 23 13.85 -2.81 30.99
C VAL A 23 14.43 -1.43 30.64
N ILE A 24 13.92 -0.36 31.25
CA ILE A 24 14.35 1.01 30.97
C ILE A 24 15.30 1.45 32.01
N GLU A 25 16.56 1.60 31.59
CA GLU A 25 17.62 1.95 32.52
C GLU A 25 17.46 3.40 33.09
N ASP A 26 17.06 4.31 32.21
CA ASP A 26 17.08 5.75 32.42
C ASP A 26 15.99 6.37 31.61
N GLU A 27 14.94 6.79 32.29
CA GLU A 27 13.76 7.21 31.59
C GLU A 27 14.03 8.49 30.72
N LYS A 28 14.77 9.45 31.26
CA LYS A 28 15.08 10.66 30.44
C LYS A 28 15.77 10.26 29.14
N GLN A 29 16.72 9.36 29.22
CA GLN A 29 17.41 8.84 28.04
C GLN A 29 16.55 8.02 27.09
N PHE A 30 15.63 7.22 27.64
CA PHE A 30 14.63 6.47 26.85
C PHE A 30 13.85 7.45 25.93
N TYR A 31 13.35 8.55 26.50
CA TYR A 31 12.63 9.56 25.71
C TYR A 31 13.54 10.38 24.78
N SER A 32 14.68 10.82 25.29
CA SER A 32 15.58 11.60 24.44
CA SER A 32 15.65 11.57 24.50
C SER A 32 16.10 10.80 23.24
N LYS A 33 16.45 9.53 23.45
CA LYS A 33 16.91 8.73 22.37
C LYS A 33 15.81 8.57 21.28
N ALA A 34 14.58 8.33 21.71
CA ALA A 34 13.47 8.18 20.75
C ALA A 34 13.27 9.44 19.90
N LYS A 35 13.33 10.58 20.59
CA LYS A 35 13.17 11.87 19.90
C LYS A 35 14.27 12.08 18.82
N THR A 36 15.51 11.82 19.20
CA THR A 36 16.64 11.86 18.29
C THR A 36 16.46 10.88 17.09
N TYR A 37 15.98 9.66 17.37
CA TYR A 37 15.78 8.66 16.33
C TYR A 37 14.77 9.23 15.29
N TRP A 38 13.62 9.70 15.74
CA TRP A 38 12.57 10.12 14.81
C TRP A 38 12.98 11.39 14.07
N LYS A 39 13.78 12.24 14.72
CA LYS A 39 14.28 13.46 14.07
C LYS A 39 15.12 13.17 12.83
N GLN A 40 15.72 11.98 12.69
CA GLN A 40 16.57 11.68 11.50
C GLN A 40 15.88 10.68 10.57
N ILE A 41 14.54 10.49 10.69
CA ILE A 41 13.83 9.61 9.80
C ILE A 41 13.19 10.49 8.74
N PRO A 42 13.18 10.04 7.47
CA PRO A 42 12.52 10.88 6.48
C PRO A 42 11.02 10.95 6.66
N PRO A 43 10.43 12.11 6.37
CA PRO A 43 9.02 12.36 6.60
C PRO A 43 8.16 11.76 5.47
N THR A 44 8.21 10.44 5.36
CA THR A 44 7.58 9.71 4.27
C THR A 44 6.85 8.52 4.86
N VAL A 45 5.96 7.92 4.09
CA VAL A 45 5.25 6.71 4.59
C VAL A 45 6.23 5.56 4.97
N ASP A 46 7.25 5.41 4.17
CA ASP A 46 8.27 4.39 4.43
CA ASP A 46 8.27 4.43 4.46
C ASP A 46 9.03 4.73 5.73
N GLY A 47 9.22 6.00 6.00
CA GLY A 47 9.83 6.38 7.29
C GLY A 47 8.88 6.08 8.49
N MET A 48 7.63 6.44 8.36
CA MET A 48 6.59 6.07 9.31
C MET A 48 6.55 4.57 9.58
N LEU A 49 6.71 3.78 8.51
CA LEU A 49 6.49 2.34 8.60
C LEU A 49 7.78 1.57 8.59
N GLY A 50 8.87 2.24 8.90
CA GLY A 50 10.13 1.55 8.97
C GLY A 50 10.57 0.69 7.81
N GLY A 51 10.42 1.17 6.61
CA GLY A 51 10.77 0.39 5.45
C GLY A 51 9.61 -0.50 4.95
N TYR A 52 8.52 -0.57 5.68
CA TYR A 52 7.41 -1.43 5.29
C TYR A 52 6.26 -0.58 4.71
N GLY A 53 6.62 0.46 3.94
CA GLY A 53 5.57 1.35 3.41
C GLY A 53 4.54 0.59 2.57
N HIS A 54 4.99 -0.48 1.93
CA HIS A 54 4.12 -1.30 1.08
C HIS A 54 2.92 -1.97 1.84
N ILE A 55 3.01 -2.14 3.14
CA ILE A 55 1.88 -2.68 3.90
C ILE A 55 0.78 -1.70 4.24
N SER A 56 0.94 -0.42 3.89
CA SER A 56 0.01 0.58 4.33
C SER A 56 -1.44 0.31 3.96
N SER A 57 -1.73 -0.17 2.75
CA SER A 57 -3.07 -0.28 2.28
C SER A 57 -3.83 -1.43 3.02
N ILE A 58 -3.14 -2.55 3.21
CA ILE A 58 -3.59 -3.68 4.02
C ILE A 58 -3.94 -3.20 5.42
N ASP A 59 -3.09 -2.36 6.03
CA ASP A 59 -3.29 -1.84 7.32
C ASP A 59 -4.54 -0.95 7.37
N ILE A 60 -4.66 -0.05 6.41
CA ILE A 60 -5.72 0.91 6.42
C ILE A 60 -7.05 0.23 6.12
N ASN A 61 -7.05 -0.72 5.17
CA ASN A 61 -8.26 -1.49 4.93
C ASN A 61 -8.82 -2.21 6.17
N SER A 62 -7.96 -2.89 6.91
CA SER A 62 -8.34 -3.58 8.14
C SER A 62 -8.76 -2.59 9.25
N SER A 63 -8.08 -1.47 9.35
CA SER A 63 -8.44 -0.46 10.32
C SER A 63 -9.83 0.06 10.03
N ARG A 64 -10.12 0.31 8.77
CA ARG A 64 -11.42 0.83 8.35
C ARG A 64 -12.60 -0.16 8.72
N LYS A 65 -12.45 -1.41 8.37
CA LYS A 65 -13.42 -2.44 8.71
C LYS A 65 -13.63 -2.50 10.26
N PHE A 66 -12.54 -2.44 10.99
CA PHE A 66 -12.58 -2.49 12.45
C PHE A 66 -13.38 -1.31 13.03
N LEU A 67 -13.09 -0.12 12.54
CA LEU A 67 -13.76 1.09 12.96
C LEU A 67 -15.24 1.12 12.61
N GLN A 68 -15.53 0.62 11.40
CA GLN A 68 -16.90 0.66 10.96
C GLN A 68 -17.84 -0.21 11.81
N ARG A 69 -17.32 -1.18 12.55
CA ARG A 69 -18.12 -1.92 13.56
C ARG A 69 -18.82 -0.89 14.54
N PHE A 70 -18.17 0.24 14.89
CA PHE A 70 -18.65 1.18 15.93
C PHE A 70 -19.50 2.31 15.40
N LEU A 71 -19.63 2.37 14.07
CA LEU A 71 -20.36 3.44 13.38
C LEU A 71 -21.73 3.11 12.94
N ARG A 72 -22.22 1.88 13.17
CA ARG A 72 -23.56 1.53 12.81
C ARG A 72 -24.59 2.31 13.66
N GLU A 73 -25.78 2.50 13.11
CA GLU A 73 -26.84 3.21 13.84
C GLU A 73 -27.27 2.38 15.07
N GLY A 74 -27.60 3.05 16.17
CA GLY A 74 -28.05 2.40 17.39
C GLY A 74 -27.68 3.24 18.57
N PRO A 75 -28.00 2.74 19.76
CA PRO A 75 -27.78 3.50 20.99
C PRO A 75 -26.43 3.83 21.21
N ASN A 76 -25.50 3.00 20.77
CA ASN A 76 -24.10 3.24 21.12
C ASN A 76 -23.22 3.76 19.97
N LYS A 77 -23.87 4.18 18.90
CA LYS A 77 -23.17 4.65 17.73
C LYS A 77 -22.09 5.70 18.05
N THR A 78 -20.85 5.44 17.67
CA THR A 78 -19.76 6.41 17.76
C THR A 78 -19.98 7.53 16.75
N GLY A 79 -19.80 8.76 17.17
CA GLY A 79 -20.05 9.89 16.25
C GLY A 79 -18.90 10.11 15.27
N THR A 80 -19.10 11.08 14.42
CA THR A 80 -18.22 11.31 13.30
C THR A 80 -17.84 12.81 13.16
N SER A 81 -17.87 13.55 14.27
CA SER A 81 -17.53 14.98 14.25
CA SER A 81 -17.50 14.98 14.30
C SER A 81 -15.99 15.21 14.38
N CYS A 82 -15.32 14.45 15.22
CA CYS A 82 -13.92 14.72 15.49
C CYS A 82 -13.14 13.48 15.95
N ALA A 83 -11.98 13.32 15.35
CA ALA A 83 -11.04 12.30 15.75
C ALA A 83 -9.70 12.92 16.13
N LEU A 84 -8.96 12.22 16.98
CA LEU A 84 -7.60 12.54 17.38
C LEU A 84 -6.65 11.39 16.94
N ASP A 85 -5.63 11.75 16.13
CA ASP A 85 -4.59 10.84 15.65
C ASP A 85 -3.33 11.07 16.49
N CYS A 86 -3.01 10.06 17.31
CA CYS A 86 -1.92 10.12 18.31
C CYS A 86 -0.67 9.46 17.76
N GLY A 87 0.45 10.16 17.89
CA GLY A 87 1.67 9.80 17.18
C GLY A 87 1.42 9.71 15.67
N ALA A 88 0.78 10.73 15.18
CA ALA A 88 0.22 10.73 13.81
C ALA A 88 1.29 10.76 12.72
N GLY A 89 2.50 11.18 13.06
CA GLY A 89 3.57 11.31 12.03
C GLY A 89 3.12 12.32 10.97
N ILE A 90 3.36 11.98 9.72
CA ILE A 90 2.97 12.83 8.61
C ILE A 90 1.50 12.79 8.28
N GLY A 91 0.76 11.96 8.97
CA GLY A 91 -0.68 11.81 8.80
C GLY A 91 -1.13 10.72 7.85
N ARG A 92 -0.37 9.64 7.73
CA ARG A 92 -0.77 8.50 6.89
C ARG A 92 -2.19 8.01 7.23
N ILE A 93 -2.42 7.89 8.53
CA ILE A 93 -3.72 7.39 8.99
C ILE A 93 -4.81 8.52 8.89
N THR A 94 -4.43 9.74 9.23
CA THR A 94 -5.32 10.87 9.08
C THR A 94 -5.80 10.99 7.63
N LYS A 95 -4.89 10.84 6.65
CA LYS A 95 -5.24 11.00 5.26
C LYS A 95 -6.24 9.93 4.79
N ARG A 96 -5.91 8.67 5.03
CA ARG A 96 -6.62 7.60 4.31
C ARG A 96 -7.74 7.00 5.13
N LEU A 97 -7.65 7.07 6.43
CA LEU A 97 -8.70 6.50 7.30
C LEU A 97 -9.59 7.54 7.90
N LEU A 98 -9.01 8.51 8.58
CA LEU A 98 -9.82 9.44 9.43
C LEU A 98 -10.51 10.60 8.73
N LEU A 99 -9.77 11.36 7.92
CA LEU A 99 -10.38 12.51 7.26
C LEU A 99 -11.59 12.13 6.41
N PRO A 100 -11.57 10.95 5.75
CA PRO A 100 -12.81 10.59 5.02
C PRO A 100 -14.02 10.33 5.89
N LEU A 101 -13.83 10.00 7.15
CA LEU A 101 -14.91 9.60 8.01
C LEU A 101 -15.32 10.61 9.08
N PHE A 102 -14.44 11.58 9.38
CA PHE A 102 -14.65 12.55 10.47
C PHE A 102 -14.62 13.95 9.95
N ARG A 103 -15.51 14.80 10.42
CA ARG A 103 -15.60 16.14 9.93
C ARG A 103 -14.29 16.93 10.14
N GLU A 104 -13.68 16.73 11.29
CA GLU A 104 -12.39 17.35 11.65
C GLU A 104 -11.49 16.30 12.32
N VAL A 105 -10.20 16.49 12.24
CA VAL A 105 -9.26 15.60 12.87
C VAL A 105 -8.20 16.47 13.53
N ASP A 106 -7.77 16.09 14.71
CA ASP A 106 -6.61 16.72 15.34
C ASP A 106 -5.48 15.70 15.26
N MET A 107 -4.25 16.20 15.15
CA MET A 107 -3.04 15.39 15.13
C MET A 107 -2.13 15.76 16.28
N VAL A 108 -1.51 14.73 16.88
CA VAL A 108 -0.46 14.99 17.86
C VAL A 108 0.73 14.12 17.60
N ASP A 109 1.90 14.75 17.61
CA ASP A 109 3.16 14.01 17.41
C ASP A 109 4.28 14.80 18.06
N ILE A 110 5.32 14.08 18.44
CA ILE A 110 6.48 14.69 19.02
C ILE A 110 7.45 15.32 17.98
N THR A 111 7.35 14.93 16.70
CA THR A 111 8.35 15.31 15.72
C THR A 111 7.84 16.45 14.82
N GLU A 112 8.30 17.68 15.10
CA GLU A 112 7.82 18.87 14.40
C GLU A 112 7.92 18.71 12.85
N ASP A 113 9.03 18.17 12.34
CA ASP A 113 9.23 18.00 10.89
C ASP A 113 8.10 17.16 10.25
N PHE A 114 7.55 16.22 10.98
CA PHE A 114 6.48 15.39 10.45
C PHE A 114 5.17 16.16 10.31
N LEU A 115 4.86 16.94 11.33
CA LEU A 115 3.69 17.79 11.30
C LEU A 115 3.81 18.87 10.20
N VAL A 116 5.00 19.41 9.98
CA VAL A 116 5.21 20.36 8.89
C VAL A 116 4.96 19.62 7.54
N GLN A 117 5.49 18.40 7.40
CA GLN A 117 5.30 17.67 6.12
C GLN A 117 3.82 17.29 5.92
N ALA A 118 3.10 17.02 7.02
CA ALA A 118 1.68 16.70 6.97
C ALA A 118 0.87 17.69 6.15
N LYS A 119 1.24 18.97 6.27
CA LYS A 119 0.46 19.99 5.65
C LYS A 119 0.55 19.80 4.12
N THR A 120 1.71 19.36 3.60
CA THR A 120 1.86 19.00 2.20
C THR A 120 1.23 17.62 1.93
N TYR A 121 1.57 16.63 2.73
CA TYR A 121 1.10 15.26 2.49
C TYR A 121 -0.44 15.18 2.43
N LEU A 122 -1.11 15.94 3.28
CA LEU A 122 -2.55 15.80 3.40
C LEU A 122 -3.32 16.53 2.27
N GLY A 123 -2.68 17.49 1.63
CA GLY A 123 -3.30 18.21 0.48
C GLY A 123 -4.52 18.99 0.94
N GLU A 124 -5.50 19.09 0.06
CA GLU A 124 -6.66 19.92 0.27
C GLU A 124 -7.55 19.45 1.45
N GLU A 125 -7.73 18.14 1.55
CA GLU A 125 -8.47 17.56 2.69
C GLU A 125 -7.85 17.91 4.03
N GLY A 126 -6.53 18.12 4.04
CA GLY A 126 -5.83 18.51 5.24
C GLY A 126 -6.28 19.86 5.79
N LYS A 127 -7.03 20.63 5.00
CA LYS A 127 -7.67 21.84 5.52
C LYS A 127 -8.68 21.53 6.64
N ARG A 128 -9.14 20.25 6.75
CA ARG A 128 -10.02 19.88 7.87
C ARG A 128 -9.24 19.37 9.12
N VAL A 129 -7.92 19.36 9.05
CA VAL A 129 -7.11 19.12 10.27
C VAL A 129 -7.21 20.40 11.05
N ARG A 130 -7.68 20.29 12.27
CA ARG A 130 -7.86 21.48 13.06
C ARG A 130 -6.55 21.78 13.84
N ASN A 131 -6.23 21.05 14.88
CA ASN A 131 -5.02 21.30 15.64
C ASN A 131 -3.93 20.31 15.22
N TYR A 132 -2.75 20.86 15.03
CA TYR A 132 -1.49 20.11 14.91
C TYR A 132 -0.71 20.34 16.21
N PHE A 133 -0.73 19.39 17.10
CA PHE A 133 -0.08 19.56 18.40
C PHE A 133 1.30 18.91 18.32
N CYS A 134 2.33 19.68 18.56
CA CYS A 134 3.67 19.17 18.55
C CYS A 134 4.07 18.97 20.02
N CYS A 135 3.93 17.75 20.52
CA CYS A 135 4.06 17.47 21.99
C CYS A 135 4.28 15.98 22.12
N GLY A 136 4.97 15.52 23.15
CA GLY A 136 4.99 14.12 23.47
C GLY A 136 3.61 13.74 24.06
N LEU A 137 3.17 12.50 23.87
CA LEU A 137 1.90 12.03 24.49
C LEU A 137 1.94 12.13 26.00
N GLN A 138 3.15 11.90 26.54
CA GLN A 138 3.34 11.97 27.97
C GLN A 138 3.13 13.35 28.56
N ASP A 139 3.18 14.38 27.73
CA ASP A 139 2.92 15.72 28.12
C ASP A 139 1.58 16.31 27.58
N PHE A 140 0.76 15.51 26.94
CA PHE A 140 -0.40 16.02 26.19
C PHE A 140 -1.69 15.73 26.99
N THR A 141 -2.51 16.74 27.18
CA THR A 141 -3.82 16.55 27.86
C THR A 141 -4.92 16.99 26.87
N PRO A 142 -5.56 16.03 26.21
CA PRO A 142 -6.64 16.37 25.23
C PRO A 142 -7.84 17.01 25.93
N GLU A 143 -8.46 17.95 25.21
CA GLU A 143 -9.53 18.72 25.75
C GLU A 143 -10.67 17.77 26.17
N PRO A 144 -11.25 17.97 27.38
CA PRO A 144 -12.44 17.18 27.77
C PRO A 144 -13.57 17.15 26.76
N ASP A 145 -14.23 15.98 26.57
CA ASP A 145 -15.46 15.89 25.76
C ASP A 145 -15.24 16.43 24.35
N SER A 146 -14.22 15.96 23.65
CA SER A 146 -13.84 16.53 22.37
C SER A 146 -13.82 15.52 21.23
N TYR A 147 -13.53 14.25 21.49
CA TYR A 147 -13.26 13.32 20.38
C TYR A 147 -14.22 12.11 20.39
N ASP A 148 -14.67 11.77 19.20
CA ASP A 148 -15.44 10.57 18.96
C ASP A 148 -14.53 9.35 18.88
N VAL A 149 -13.36 9.49 18.26
CA VAL A 149 -12.37 8.44 18.15
C VAL A 149 -10.99 9.02 18.46
N ILE A 150 -10.25 8.32 19.32
CA ILE A 150 -8.88 8.64 19.57
C ILE A 150 -8.10 7.44 19.07
N TRP A 151 -7.29 7.66 18.03
CA TRP A 151 -6.60 6.58 17.33
C TRP A 151 -5.10 6.59 17.74
N ILE A 152 -4.60 5.49 18.31
CA ILE A 152 -3.23 5.46 18.81
C ILE A 152 -2.49 4.31 18.18
N GLN A 153 -1.73 4.57 17.12
CA GLN A 153 -1.18 3.49 16.33
C GLN A 153 0.34 3.59 16.24
N TRP A 154 1.01 2.51 16.63
CA TRP A 154 2.43 2.35 16.46
C TRP A 154 3.24 3.39 17.29
N VAL A 155 2.71 3.77 18.44
CA VAL A 155 3.35 4.71 19.35
C VAL A 155 3.35 4.34 20.81
N ILE A 156 2.48 3.43 21.27
CA ILE A 156 2.38 3.17 22.73
C ILE A 156 3.68 2.64 23.32
N GLY A 157 4.48 1.95 22.47
CA GLY A 157 5.78 1.44 22.85
C GLY A 157 6.83 2.52 23.21
N HIS A 158 6.55 3.75 22.84
CA HIS A 158 7.32 4.87 23.19
C HIS A 158 7.06 5.49 24.53
N LEU A 159 6.06 4.99 25.26
CA LEU A 159 5.77 5.52 26.55
C LEU A 159 6.10 4.47 27.60
N THR A 160 6.51 4.94 28.77
CA THR A 160 6.60 4.04 29.94
C THR A 160 5.21 3.55 30.39
N ASP A 161 5.18 2.51 31.20
CA ASP A 161 3.90 2.00 31.71
C ASP A 161 3.13 3.09 32.45
N GLN A 162 3.81 3.84 33.30
CA GLN A 162 3.11 4.85 34.07
C GLN A 162 2.57 5.98 33.13
N HIS A 163 3.40 6.36 32.15
CA HIS A 163 2.94 7.42 31.23
C HIS A 163 1.81 6.90 30.33
N LEU A 164 1.89 5.66 29.93
CA LEU A 164 0.83 5.10 29.06
C LEU A 164 -0.50 5.06 29.82
N ALA A 165 -0.45 4.52 31.03
CA ALA A 165 -1.67 4.42 31.88
C ALA A 165 -2.26 5.83 32.07
N GLU A 166 -1.44 6.80 32.39
CA GLU A 166 -1.90 8.15 32.59
C GLU A 166 -2.48 8.78 31.31
N PHE A 167 -1.76 8.57 30.20
CA PHE A 167 -2.20 9.10 28.91
C PHE A 167 -3.59 8.50 28.56
N LEU A 168 -3.75 7.19 28.76
CA LEU A 168 -5.04 6.54 28.47
C LEU A 168 -6.15 7.11 29.44
N ARG A 169 -5.82 7.43 30.69
CA ARG A 169 -6.80 8.08 31.54
C ARG A 169 -7.27 9.48 31.01
N ARG A 170 -6.32 10.28 30.54
CA ARG A 170 -6.63 11.63 30.00
C ARG A 170 -7.42 11.49 28.70
N CYS A 171 -7.08 10.49 27.92
CA CYS A 171 -7.86 10.22 26.69
C CYS A 171 -9.31 9.86 27.01
N LYS A 172 -9.49 9.04 28.03
CA LYS A 172 -10.81 8.67 28.45
C LYS A 172 -11.61 9.91 28.78
N GLY A 173 -10.99 10.88 29.45
CA GLY A 173 -11.70 12.11 29.85
C GLY A 173 -11.96 13.02 28.62
N SER A 174 -11.36 12.76 27.45
CA SER A 174 -11.62 13.62 26.31
C SER A 174 -12.62 12.98 25.31
N LEU A 175 -13.15 11.78 25.60
CA LEU A 175 -14.17 11.15 24.75
C LEU A 175 -15.51 11.81 24.86
N ARG A 176 -16.12 12.03 23.71
CA ARG A 176 -17.55 12.40 23.63
C ARG A 176 -18.41 11.18 24.01
N PRO A 177 -19.70 11.41 24.28
CA PRO A 177 -20.62 10.24 24.44
C PRO A 177 -20.48 9.25 23.29
N ASN A 178 -20.34 7.97 23.67
CA ASN A 178 -20.18 6.83 22.72
C ASN A 178 -18.84 6.83 22.05
N GLY A 179 -17.92 7.65 22.53
CA GLY A 179 -16.60 7.66 21.94
C GLY A 179 -15.79 6.43 22.28
N ILE A 180 -14.78 6.16 21.47
CA ILE A 180 -13.85 5.09 21.69
C ILE A 180 -12.42 5.48 21.49
N ILE A 181 -11.55 4.72 22.16
CA ILE A 181 -10.12 4.73 21.97
C ILE A 181 -9.71 3.48 21.22
N VAL A 182 -8.86 3.63 20.21
CA VAL A 182 -8.31 2.46 19.46
C VAL A 182 -6.79 2.45 19.62
N ILE A 183 -6.25 1.35 20.13
CA ILE A 183 -4.81 1.13 20.12
C ILE A 183 -4.53 0.09 19.05
N LYS A 184 -3.56 0.37 18.17
CA LYS A 184 -3.17 -0.64 17.19
C LYS A 184 -1.64 -0.67 17.27
N ASP A 185 -1.06 -1.85 17.51
CA ASP A 185 0.36 -1.89 17.73
C ASP A 185 0.90 -3.29 17.67
N ASN A 186 2.22 -3.35 17.57
CA ASN A 186 3.00 -4.55 17.74
C ASN A 186 2.84 -5.14 19.12
N MET A 187 2.78 -6.45 19.18
CA MET A 187 2.62 -7.13 20.43
C MET A 187 3.65 -8.23 20.43
N ALA A 188 4.33 -8.38 21.55
CA ALA A 188 5.32 -9.43 21.78
C ALA A 188 4.62 -10.74 22.15
N GLN A 189 5.20 -11.84 21.75
CA GLN A 189 4.75 -13.18 22.10
C GLN A 189 4.70 -13.29 23.65
N GLU A 190 5.72 -12.77 24.34
CA GLU A 190 5.81 -12.89 25.78
C GLU A 190 6.71 -11.78 26.37
N GLY A 191 6.23 -11.11 27.36
CA GLY A 191 7.02 -10.14 28.10
C GLY A 191 7.02 -8.73 27.58
N VAL A 192 8.10 -8.02 27.92
CA VAL A 192 8.30 -6.63 27.56
C VAL A 192 9.71 -6.54 26.99
N ILE A 193 9.79 -6.16 25.72
CA ILE A 193 11.06 -6.27 24.99
C ILE A 193 11.54 -4.88 24.60
N LEU A 194 12.75 -4.51 25.01
CA LEU A 194 13.31 -3.16 24.67
C LEU A 194 13.98 -3.21 23.27
N ASP A 195 13.62 -2.26 22.43
CA ASP A 195 14.39 -1.91 21.23
C ASP A 195 15.26 -0.65 21.50
N ASP A 196 16.55 -0.84 21.65
CA ASP A 196 17.43 0.24 22.08
C ASP A 196 17.90 1.18 20.94
N VAL A 197 17.41 0.92 19.74
CA VAL A 197 17.76 1.70 18.54
C VAL A 197 16.68 2.75 18.38
N ASP A 198 15.42 2.40 18.28
CA ASP A 198 14.41 3.44 18.24
C ASP A 198 13.91 3.86 19.64
N SER A 199 14.37 3.17 20.68
CA SER A 199 14.07 3.48 22.08
C SER A 199 12.54 3.38 22.33
N SER A 200 12.08 2.15 22.22
CA SER A 200 10.69 1.76 22.39
C SER A 200 10.62 0.34 23.00
N VAL A 201 9.47 0.00 23.56
CA VAL A 201 9.22 -1.35 24.01
C VAL A 201 8.05 -2.00 23.26
N CYS A 202 8.12 -3.31 23.17
CA CYS A 202 7.09 -4.13 22.60
C CYS A 202 6.58 -5.00 23.78
N ARG A 203 5.30 -4.88 24.10
CA ARG A 203 4.65 -5.59 25.22
C ARG A 203 3.74 -6.72 24.75
N ASP A 204 3.67 -7.78 25.52
CA ASP A 204 2.71 -8.89 25.24
C ASP A 204 1.25 -8.47 25.53
N LEU A 205 0.31 -9.23 24.96
CA LEU A 205 -1.11 -8.91 25.11
C LEU A 205 -1.56 -8.80 26.60
N ASP A 206 -1.04 -9.65 27.46
CA ASP A 206 -1.44 -9.62 28.90
C ASP A 206 -0.98 -8.31 29.55
N VAL A 207 0.17 -7.81 29.15
CA VAL A 207 0.69 -6.56 29.71
C VAL A 207 -0.12 -5.40 29.23
N VAL A 208 -0.40 -5.37 27.94
CA VAL A 208 -1.19 -4.33 27.40
C VAL A 208 -2.62 -4.34 28.03
N ARG A 209 -3.22 -5.48 28.12
CA ARG A 209 -4.55 -5.55 28.76
C ARG A 209 -4.50 -5.06 30.22
N ARG A 210 -3.42 -5.38 30.95
CA ARG A 210 -3.28 -4.94 32.33
C ARG A 210 -3.26 -3.39 32.42
N ILE A 211 -2.54 -2.79 31.50
CA ILE A 211 -2.44 -1.36 31.46
C ILE A 211 -3.78 -0.67 31.11
N ILE A 212 -4.47 -1.23 30.13
CA ILE A 212 -5.78 -0.75 29.76
C ILE A 212 -6.71 -0.78 31.00
N CYS A 213 -6.75 -1.92 31.69
CA CYS A 213 -7.57 -2.04 32.89
C CYS A 213 -7.15 -1.03 33.99
N SER A 214 -5.84 -0.82 34.22
CA SER A 214 -5.38 0.12 35.20
CA SER A 214 -5.33 0.17 35.18
C SER A 214 -5.81 1.56 34.84
N ALA A 215 -6.01 1.84 33.56
CA ALA A 215 -6.52 3.12 33.14
C ALA A 215 -8.04 3.26 33.25
N GLY A 216 -8.75 2.27 33.79
CA GLY A 216 -10.24 2.31 33.96
C GLY A 216 -10.93 2.19 32.61
N LEU A 217 -10.33 1.51 31.65
CA LEU A 217 -10.89 1.26 30.38
C LEU A 217 -11.30 -0.24 30.25
N SER A 218 -12.24 -0.49 29.35
CA SER A 218 -12.70 -1.84 29.07
C SER A 218 -12.58 -2.13 27.55
N LEU A 219 -12.36 -3.39 27.24
CA LEU A 219 -12.29 -3.88 25.84
CA LEU A 219 -12.28 -3.83 25.86
C LEU A 219 -13.65 -4.02 25.20
N LEU A 220 -13.85 -3.33 24.09
CA LEU A 220 -14.99 -3.61 23.22
C LEU A 220 -14.71 -4.66 22.14
N ALA A 221 -13.48 -4.70 21.64
CA ALA A 221 -13.09 -5.65 20.60
C ALA A 221 -11.54 -5.72 20.55
N GLU A 222 -11.03 -6.84 20.08
CA GLU A 222 -9.60 -7.06 19.90
C GLU A 222 -9.46 -7.89 18.62
N GLU A 223 -8.50 -7.55 17.77
CA GLU A 223 -8.38 -8.26 16.51
C GLU A 223 -6.95 -8.28 16.06
N ARG A 224 -6.49 -9.47 15.67
CA ARG A 224 -5.16 -9.62 15.03
C ARG A 224 -5.16 -9.09 13.58
N GLN A 225 -4.17 -8.28 13.23
CA GLN A 225 -3.97 -7.83 11.82
C GLN A 225 -3.48 -8.98 10.95
N GLU A 226 -4.24 -9.32 9.94
CA GLU A 226 -3.86 -10.36 9.00
C GLU A 226 -3.01 -9.80 7.82
N ASN A 227 -2.43 -10.73 7.07
CA ASN A 227 -1.72 -10.54 5.81
C ASN A 227 -0.48 -9.67 5.95
N LEU A 228 0.17 -9.71 7.10
CA LEU A 228 1.44 -9.04 7.29
C LEU A 228 2.59 -9.97 6.94
N PRO A 229 3.78 -9.40 6.63
CA PRO A 229 4.97 -10.27 6.35
C PRO A 229 5.27 -11.12 7.59
N ASP A 230 5.71 -12.35 7.37
CA ASP A 230 5.94 -13.32 8.42
CA ASP A 230 5.88 -13.29 8.46
C ASP A 230 6.94 -12.85 9.50
N GLU A 231 7.90 -12.00 9.11
CA GLU A 231 9.03 -11.67 10.00
C GLU A 231 8.83 -10.60 11.02
N ILE A 232 7.72 -9.85 10.95
CA ILE A 232 7.56 -8.72 11.84
C ILE A 232 6.67 -9.10 13.04
N TYR A 233 6.76 -8.28 14.08
CA TYR A 233 5.90 -8.48 15.24
C TYR A 233 4.43 -8.55 14.80
N HIS A 234 3.69 -9.41 15.45
CA HIS A 234 2.23 -9.48 15.28
C HIS A 234 1.65 -8.13 15.67
N VAL A 235 0.58 -7.72 15.02
CA VAL A 235 -0.03 -6.45 15.32
C VAL A 235 -1.51 -6.70 15.72
N TYR A 236 -1.98 -6.05 16.77
CA TYR A 236 -3.38 -6.19 17.21
C TYR A 236 -4.01 -4.83 17.36
N SER A 237 -5.31 -4.79 17.18
CA SER A 237 -6.13 -3.60 17.38
C SER A 237 -7.05 -3.87 18.61
N PHE A 238 -7.20 -2.85 19.43
CA PHE A 238 -8.11 -2.88 20.57
C PHE A 238 -9.02 -1.70 20.48
N ALA A 239 -10.31 -1.90 20.68
CA ALA A 239 -11.23 -0.76 20.83
C ALA A 239 -11.69 -0.70 22.29
N LEU A 240 -11.65 0.48 22.88
CA LEU A 240 -11.80 0.66 24.28
C LEU A 240 -12.80 1.74 24.58
N ARG A 241 -13.44 1.64 25.74
CA ARG A 241 -14.08 2.78 26.37
C ARG A 241 -14.12 2.69 27.88
CA PRO B 16 -8.30 -24.45 -8.60
C PRO B 16 -9.44 -24.43 -9.64
N ARG B 17 -10.13 -23.28 -9.76
CA ARG B 17 -11.19 -23.01 -10.79
C ARG B 17 -10.56 -22.46 -12.05
N GLY B 18 -11.29 -22.42 -13.17
CA GLY B 18 -10.67 -22.17 -14.52
C GLY B 18 -10.87 -20.84 -15.26
N SER B 19 -11.54 -19.90 -14.62
CA SER B 19 -11.92 -18.62 -15.23
C SER B 19 -12.26 -17.60 -14.17
N THR B 20 -12.25 -16.32 -14.51
CA THR B 20 -12.57 -15.27 -13.51
C THR B 20 -14.01 -15.29 -13.05
N SER B 21 -14.91 -15.71 -13.93
CA SER B 21 -16.32 -15.70 -13.60
CA SER B 21 -16.32 -15.72 -13.60
C SER B 21 -16.65 -16.79 -12.56
N GLU B 22 -15.76 -17.75 -12.36
CA GLU B 22 -15.97 -18.78 -11.35
C GLU B 22 -15.40 -18.33 -9.99
N VAL B 23 -14.41 -17.42 -9.97
CA VAL B 23 -13.83 -16.95 -8.68
C VAL B 23 -14.27 -15.52 -8.26
N ILE B 24 -14.79 -14.73 -9.19
CA ILE B 24 -15.23 -13.40 -8.88
C ILE B 24 -16.72 -13.46 -8.60
N GLU B 25 -17.06 -13.29 -7.34
CA GLU B 25 -18.45 -13.23 -6.87
C GLU B 25 -19.20 -11.97 -7.31
N ASP B 26 -18.53 -10.82 -7.37
CA ASP B 26 -19.19 -9.53 -7.61
C ASP B 26 -18.21 -8.66 -8.36
N GLU B 27 -18.51 -8.45 -9.63
CA GLU B 27 -17.64 -7.73 -10.48
C GLU B 27 -17.41 -6.24 -10.10
N LYS B 28 -18.50 -5.54 -9.76
CA LYS B 28 -18.38 -4.14 -9.36
C LYS B 28 -17.39 -3.99 -8.14
N GLN B 29 -17.52 -4.90 -7.20
CA GLN B 29 -16.67 -4.94 -6.01
C GLN B 29 -15.25 -5.32 -6.32
N PHE B 30 -15.06 -6.25 -7.24
CA PHE B 30 -13.72 -6.63 -7.70
C PHE B 30 -12.91 -5.43 -8.15
N TYR B 31 -13.56 -4.57 -8.92
CA TYR B 31 -12.91 -3.39 -9.44
C TYR B 31 -12.82 -2.27 -8.37
N SER B 32 -13.89 -2.03 -7.65
CA SER B 32 -13.83 -0.96 -6.66
C SER B 32 -12.83 -1.25 -5.53
N LYS B 33 -12.81 -2.48 -5.03
CA LYS B 33 -11.81 -2.87 -3.99
C LYS B 33 -10.36 -2.64 -4.51
N ALA B 34 -10.11 -2.92 -5.78
CA ALA B 34 -8.77 -2.84 -6.30
C ALA B 34 -8.36 -1.37 -6.37
N LYS B 35 -9.32 -0.57 -6.78
CA LYS B 35 -9.01 0.87 -6.94
C LYS B 35 -8.71 1.50 -5.55
N THR B 36 -9.52 1.12 -4.58
CA THR B 36 -9.22 1.53 -3.18
C THR B 36 -7.85 1.04 -2.71
N TYR B 37 -7.52 -0.23 -3.02
CA TYR B 37 -6.28 -0.81 -2.56
CA TYR B 37 -6.25 -0.82 -2.54
C TYR B 37 -5.11 0.05 -3.04
N TRP B 38 -5.11 0.33 -4.35
CA TRP B 38 -3.99 1.04 -4.94
C TRP B 38 -3.93 2.53 -4.54
N LYS B 39 -5.10 3.14 -4.29
CA LYS B 39 -5.13 4.53 -3.82
C LYS B 39 -4.38 4.67 -2.51
N GLN B 40 -4.30 3.59 -1.75
CA GLN B 40 -3.64 3.62 -0.45
C GLN B 40 -2.16 3.22 -0.43
N ILE B 41 -1.56 2.92 -1.58
CA ILE B 41 -0.21 2.41 -1.65
C ILE B 41 0.72 3.63 -1.89
N PRO B 42 1.85 3.72 -1.16
CA PRO B 42 2.77 4.79 -1.45
C PRO B 42 3.31 4.78 -2.86
N PRO B 43 3.41 5.99 -3.43
CA PRO B 43 3.83 6.05 -4.82
C PRO B 43 5.34 5.89 -5.00
N THR B 44 5.82 4.67 -4.83
CA THR B 44 7.24 4.36 -4.75
C THR B 44 7.42 3.07 -5.50
N VAL B 45 8.66 2.79 -5.90
CA VAL B 45 8.98 1.53 -6.56
C VAL B 45 8.63 0.33 -5.62
N ASP B 46 8.94 0.46 -4.33
CA ASP B 46 8.62 -0.62 -3.39
C ASP B 46 7.13 -0.80 -3.25
N GLY B 47 6.39 0.31 -3.33
CA GLY B 47 4.95 0.25 -3.44
C GLY B 47 4.39 -0.47 -4.67
N MET B 48 4.90 -0.09 -5.83
CA MET B 48 4.53 -0.74 -7.08
C MET B 48 4.77 -2.29 -6.97
N LEU B 49 5.85 -2.70 -6.32
CA LEU B 49 6.28 -4.13 -6.29
C LEU B 49 6.01 -4.84 -4.99
N GLY B 50 5.12 -4.29 -4.14
CA GLY B 50 4.65 -4.98 -2.97
C GLY B 50 5.74 -5.50 -2.08
N GLY B 51 6.77 -4.69 -1.90
CA GLY B 51 7.81 -5.04 -1.03
C GLY B 51 8.98 -5.69 -1.75
N TYR B 52 8.86 -5.92 -3.07
CA TYR B 52 9.93 -6.55 -3.85
C TYR B 52 10.63 -5.53 -4.73
N GLY B 53 10.72 -4.30 -4.27
CA GLY B 53 11.41 -3.27 -5.02
C GLY B 53 12.82 -3.66 -5.41
N HIS B 54 13.51 -4.44 -4.55
CA HIS B 54 14.85 -4.97 -4.83
C HIS B 54 14.97 -5.86 -6.09
N ILE B 55 13.88 -6.37 -6.65
CA ILE B 55 13.96 -7.17 -7.91
C ILE B 55 13.79 -6.31 -9.16
N SER B 56 13.68 -4.99 -9.02
CA SER B 56 13.30 -4.13 -10.12
C SER B 56 14.33 -4.20 -11.23
N SER B 57 15.63 -4.16 -10.89
CA SER B 57 16.67 -4.22 -11.92
CA SER B 57 16.67 -4.19 -11.92
C SER B 57 16.69 -5.56 -12.66
N ILE B 58 16.50 -6.67 -11.93
CA ILE B 58 16.47 -8.00 -12.56
C ILE B 58 15.35 -8.04 -13.60
N ASP B 59 14.22 -7.50 -13.20
CA ASP B 59 13.07 -7.44 -14.04
C ASP B 59 13.33 -6.60 -15.28
N ILE B 60 13.78 -5.36 -15.08
CA ILE B 60 13.89 -4.40 -16.20
C ILE B 60 14.98 -4.91 -17.16
N ASN B 61 16.08 -5.42 -16.61
CA ASN B 61 17.18 -5.87 -17.50
C ASN B 61 16.74 -7.03 -18.38
N SER B 62 15.93 -7.94 -17.85
CA SER B 62 15.42 -9.08 -18.66
C SER B 62 14.42 -8.55 -19.68
N SER B 63 13.52 -7.65 -19.23
CA SER B 63 12.53 -7.06 -20.11
C SER B 63 13.20 -6.38 -21.32
N ARG B 64 14.27 -5.67 -21.06
CA ARG B 64 14.98 -4.96 -22.13
C ARG B 64 15.54 -5.96 -23.16
N LYS B 65 16.10 -7.06 -22.67
CA LYS B 65 16.68 -8.02 -23.58
C LYS B 65 15.59 -8.65 -24.47
N PHE B 66 14.45 -8.92 -23.83
CA PHE B 66 13.29 -9.50 -24.50
C PHE B 66 12.77 -8.60 -25.60
N LEU B 67 12.74 -7.34 -25.29
CA LEU B 67 12.21 -6.35 -26.19
C LEU B 67 13.16 -5.98 -27.33
N GLN B 68 14.43 -5.83 -27.01
CA GLN B 68 15.42 -5.40 -28.00
C GLN B 68 15.46 -6.27 -29.21
N ARG B 69 15.16 -7.55 -29.04
CA ARG B 69 15.11 -8.50 -30.14
CA ARG B 69 15.21 -8.46 -30.17
C ARG B 69 14.14 -8.04 -31.25
N PHE B 70 12.99 -7.51 -30.85
CA PHE B 70 11.98 -7.01 -31.75
C PHE B 70 12.32 -5.68 -32.39
N LEU B 71 12.96 -4.85 -31.60
CA LEU B 71 13.37 -3.51 -32.06
C LEU B 71 14.56 -3.50 -33.01
N ARG B 72 15.38 -4.57 -33.04
CA ARG B 72 16.60 -4.56 -33.85
C ARG B 72 16.67 -5.58 -34.99
N GLU B 73 15.75 -6.55 -34.96
CA GLU B 73 15.72 -7.65 -35.90
C GLU B 73 14.58 -7.53 -36.89
N GLY B 74 14.93 -7.52 -38.13
CA GLY B 74 13.98 -7.64 -39.21
C GLY B 74 13.87 -9.11 -39.66
N PRO B 75 13.11 -9.39 -40.71
N PRO B 75 13.15 -9.38 -40.76
CA PRO B 75 12.36 -8.36 -41.45
CA PRO B 75 12.75 -8.45 -41.83
C PRO B 75 11.19 -7.93 -40.58
C PRO B 75 11.59 -7.55 -41.51
N ASN B 76 10.52 -6.86 -40.96
N ASN B 76 10.88 -7.84 -40.41
CA ASN B 76 9.36 -6.40 -40.18
CA ASN B 76 9.72 -7.05 -40.02
C ASN B 76 9.78 -6.07 -38.72
C ASN B 76 9.94 -6.31 -38.67
N LYS B 77 10.88 -5.36 -38.62
CA LYS B 77 11.33 -4.81 -37.38
C LYS B 77 10.30 -3.90 -36.68
N THR B 78 10.18 -3.99 -35.37
CA THR B 78 9.36 -3.07 -34.63
C THR B 78 9.99 -1.69 -34.49
N GLY B 79 9.17 -0.65 -34.67
CA GLY B 79 9.59 0.77 -34.64
C GLY B 79 9.83 1.24 -33.20
N THR B 80 10.42 2.45 -33.13
CA THR B 80 10.75 3.07 -31.85
C THR B 80 10.21 4.48 -31.72
N SER B 81 9.12 4.80 -32.38
CA SER B 81 8.53 6.13 -32.26
C SER B 81 7.69 6.33 -30.94
N CYS B 82 6.92 5.34 -30.52
CA CYS B 82 5.91 5.53 -29.51
C CYS B 82 5.54 4.25 -28.79
N ALA B 83 5.58 4.30 -27.48
CA ALA B 83 5.13 3.18 -26.66
C ALA B 83 4.00 3.59 -25.68
N LEU B 84 3.18 2.62 -25.29
CA LEU B 84 2.11 2.81 -24.30
C LEU B 84 2.43 1.91 -23.10
N ASP B 85 2.51 2.50 -21.94
CA ASP B 85 2.82 1.73 -20.69
C ASP B 85 1.47 1.58 -19.96
N CYS B 86 0.95 0.35 -19.84
CA CYS B 86 -0.40 0.11 -19.26
C CYS B 86 -0.29 -0.36 -17.82
N GLY B 87 -1.11 0.21 -16.96
CA GLY B 87 -0.94 0.00 -15.53
C GLY B 87 0.43 0.52 -15.14
N ALA B 88 0.81 1.66 -15.68
CA ALA B 88 2.20 2.19 -15.56
C ALA B 88 2.63 2.56 -14.13
N GLY B 89 1.68 2.76 -13.25
CA GLY B 89 2.03 3.24 -11.92
C GLY B 89 2.73 4.60 -11.98
N ILE B 90 3.77 4.74 -11.17
CA ILE B 90 4.61 5.92 -11.11
C ILE B 90 5.63 6.00 -12.25
N GLY B 91 5.67 4.97 -13.09
CA GLY B 91 6.55 4.90 -14.26
C GLY B 91 7.88 4.18 -14.08
N ARG B 92 7.89 3.17 -13.22
CA ARG B 92 9.11 2.38 -12.98
C ARG B 92 9.68 1.85 -14.34
N ILE B 93 8.78 1.32 -15.18
CA ILE B 93 9.12 0.77 -16.46
C ILE B 93 9.31 1.87 -17.49
N THR B 94 8.45 2.86 -17.47
CA THR B 94 8.60 4.06 -18.33
C THR B 94 9.97 4.66 -18.19
N LYS B 95 10.43 4.82 -16.96
CA LYS B 95 11.71 5.40 -16.68
C LYS B 95 12.86 4.59 -17.24
N ARG B 96 12.95 3.31 -16.87
CA ARG B 96 14.15 2.53 -17.13
C ARG B 96 14.11 1.71 -18.38
N LEU B 97 12.93 1.42 -18.89
CA LEU B 97 12.83 0.60 -20.07
C LEU B 97 12.38 1.40 -21.28
N LEU B 98 11.28 2.12 -21.16
CA LEU B 98 10.61 2.67 -22.35
C LEU B 98 11.15 4.02 -22.85
N LEU B 99 11.27 5.00 -21.97
CA LEU B 99 11.78 6.31 -22.37
C LEU B 99 13.17 6.28 -23.09
N PRO B 100 14.11 5.39 -22.64
CA PRO B 100 15.39 5.35 -23.33
C PRO B 100 15.27 4.76 -24.74
N LEU B 101 14.23 3.97 -25.04
CA LEU B 101 14.10 3.31 -26.31
C LEU B 101 13.11 3.93 -27.31
N PHE B 102 12.12 4.67 -26.83
CA PHE B 102 11.08 5.26 -27.67
C PHE B 102 11.12 6.78 -27.58
N ARG B 103 10.83 7.43 -28.70
CA ARG B 103 10.88 8.88 -28.81
C ARG B 103 9.85 9.51 -27.88
N GLU B 104 8.66 8.87 -27.83
CA GLU B 104 7.60 9.25 -26.90
C GLU B 104 6.93 8.07 -26.23
N VAL B 105 6.36 8.31 -25.05
CA VAL B 105 5.70 7.31 -24.32
C VAL B 105 4.41 7.87 -23.77
N ASP B 106 3.34 7.09 -23.82
CA ASP B 106 2.08 7.43 -23.14
C ASP B 106 1.97 6.50 -21.95
N MET B 107 1.34 6.99 -20.89
CA MET B 107 1.11 6.19 -19.72
C MET B 107 -0.37 6.11 -19.43
N VAL B 108 -0.85 4.95 -19.03
CA VAL B 108 -2.22 4.81 -18.54
C VAL B 108 -2.29 4.03 -17.25
N ASP B 109 -3.01 4.59 -16.26
CA ASP B 109 -3.11 3.93 -14.98
C ASP B 109 -4.41 4.40 -14.35
N ILE B 110 -5.03 3.56 -13.51
CA ILE B 110 -6.27 3.91 -12.85
C ILE B 110 -6.07 4.92 -11.68
N THR B 111 -4.85 4.98 -11.13
CA THR B 111 -4.57 5.70 -9.86
C THR B 111 -3.95 7.07 -10.13
N GLU B 112 -4.74 8.13 -9.97
CA GLU B 112 -4.29 9.45 -10.32
CA GLU B 112 -4.33 9.50 -10.24
C GLU B 112 -2.99 9.88 -9.60
N ASP B 113 -2.87 9.62 -8.30
CA ASP B 113 -1.68 10.04 -7.55
C ASP B 113 -0.42 9.43 -8.07
N PHE B 114 -0.52 8.25 -8.67
CA PHE B 114 0.68 7.65 -9.28
C PHE B 114 1.14 8.39 -10.51
N LEU B 115 0.19 8.82 -11.33
CA LEU B 115 0.50 9.60 -12.51
C LEU B 115 1.04 10.99 -12.11
N VAL B 116 0.49 11.57 -11.06
CA VAL B 116 1.03 12.82 -10.54
C VAL B 116 2.46 12.61 -10.09
N GLN B 117 2.68 11.52 -9.35
CA GLN B 117 4.06 11.24 -8.86
C GLN B 117 5.02 11.00 -10.02
N ALA B 118 4.55 10.31 -11.05
CA ALA B 118 5.36 10.10 -12.24
C ALA B 118 6.06 11.36 -12.79
N LYS B 119 5.37 12.49 -12.76
CA LYS B 119 5.94 13.72 -13.28
C LYS B 119 7.24 14.05 -12.57
N THR B 120 7.26 13.86 -11.24
CA THR B 120 8.48 14.01 -10.45
C THR B 120 9.44 12.87 -10.67
N TYR B 121 8.96 11.64 -10.55
CA TYR B 121 9.83 10.45 -10.60
C TYR B 121 10.62 10.34 -11.93
N LEU B 122 9.96 10.66 -13.04
CA LEU B 122 10.58 10.56 -14.34
C LEU B 122 11.55 11.68 -14.66
N GLY B 123 11.46 12.77 -13.93
CA GLY B 123 12.43 13.85 -14.09
C GLY B 123 12.46 14.41 -15.53
N GLU B 124 13.63 14.81 -16.00
CA GLU B 124 13.77 15.52 -17.28
C GLU B 124 13.38 14.68 -18.47
N GLU B 125 13.68 13.40 -18.47
CA GLU B 125 13.28 12.54 -19.55
C GLU B 125 11.78 12.37 -19.62
N GLY B 126 11.10 12.53 -18.49
CA GLY B 126 9.63 12.49 -18.43
C GLY B 126 8.92 13.57 -19.27
N LYS B 127 9.64 14.59 -19.67
CA LYS B 127 9.07 15.55 -20.61
C LYS B 127 8.65 14.89 -21.95
N ARG B 128 9.19 13.72 -22.28
CA ARG B 128 8.79 13.03 -23.47
C ARG B 128 7.59 12.08 -23.27
N VAL B 129 7.02 12.07 -22.08
CA VAL B 129 5.75 11.44 -21.86
C VAL B 129 4.73 12.36 -22.48
N ARG B 130 3.99 11.84 -23.45
CA ARG B 130 3.12 12.68 -24.26
C ARG B 130 1.74 12.77 -23.59
N ASN B 131 1.16 11.66 -23.16
CA ASN B 131 -0.15 11.65 -22.47
C ASN B 131 -0.06 10.82 -21.23
N TYR B 132 -0.66 11.30 -20.16
CA TYR B 132 -0.88 10.58 -18.91
C TYR B 132 -2.38 10.32 -18.88
N PHE B 133 -2.86 9.10 -19.06
CA PHE B 133 -4.27 8.85 -19.10
C PHE B 133 -4.64 8.21 -17.76
N CYS B 134 -5.53 8.86 -17.03
CA CYS B 134 -6.04 8.30 -15.78
C CYS B 134 -7.33 7.56 -16.11
N CYS B 135 -7.29 6.23 -16.11
CA CYS B 135 -8.39 5.43 -16.62
C CYS B 135 -8.14 3.96 -16.25
N GLY B 136 -9.18 3.19 -15.97
CA GLY B 136 -9.04 1.76 -15.86
C GLY B 136 -8.87 1.18 -17.26
N LEU B 137 -8.08 0.13 -17.41
CA LEU B 137 -7.92 -0.45 -18.77
C LEU B 137 -9.26 -0.91 -19.36
N GLN B 138 -10.15 -1.37 -18.48
CA GLN B 138 -11.48 -1.83 -18.87
C GLN B 138 -12.29 -0.74 -19.52
N ASP B 139 -11.92 0.53 -19.29
CA ASP B 139 -12.62 1.66 -19.91
C ASP B 139 -11.77 2.41 -20.94
N PHE B 140 -10.57 1.91 -21.24
CA PHE B 140 -9.60 2.61 -22.05
C PHE B 140 -9.54 2.09 -23.48
N THR B 141 -9.62 3.02 -24.44
CA THR B 141 -9.43 2.75 -25.84
C THR B 141 -8.17 3.46 -26.37
N PRO B 142 -7.09 2.74 -26.60
CA PRO B 142 -5.87 3.34 -27.19
C PRO B 142 -6.17 3.78 -28.62
N GLU B 143 -5.62 4.91 -29.06
CA GLU B 143 -5.98 5.47 -30.38
C GLU B 143 -5.51 4.54 -31.52
N PRO B 144 -6.29 4.41 -32.61
CA PRO B 144 -5.78 3.62 -33.75
C PRO B 144 -4.39 4.04 -34.24
N ASP B 145 -3.59 3.07 -34.66
CA ASP B 145 -2.36 3.34 -35.38
C ASP B 145 -1.40 4.26 -34.58
N SER B 146 -1.26 4.02 -33.27
CA SER B 146 -0.49 4.96 -32.44
C SER B 146 0.82 4.44 -31.85
N TYR B 147 0.89 3.13 -31.53
CA TYR B 147 1.96 2.57 -30.71
C TYR B 147 2.72 1.47 -31.40
N ASP B 148 4.05 1.55 -31.31
CA ASP B 148 4.92 0.48 -31.75
C ASP B 148 4.94 -0.62 -30.76
N VAL B 149 4.92 -0.25 -29.49
CA VAL B 149 4.92 -1.21 -28.41
C VAL B 149 3.89 -0.82 -27.36
N ILE B 150 3.04 -1.80 -26.98
CA ILE B 150 2.13 -1.69 -25.86
C ILE B 150 2.61 -2.67 -24.77
N TRP B 151 3.02 -2.12 -23.64
CA TRP B 151 3.64 -2.87 -22.54
C TRP B 151 2.63 -2.95 -21.38
N ILE B 152 2.29 -4.18 -20.99
CA ILE B 152 1.22 -4.43 -20.00
C ILE B 152 1.80 -5.36 -18.96
N GLN B 153 2.28 -4.75 -17.88
CA GLN B 153 2.99 -5.48 -16.85
C GLN B 153 2.35 -5.33 -15.45
N TRP B 154 2.13 -6.49 -14.82
CA TRP B 154 1.65 -6.61 -13.47
C TRP B 154 0.29 -5.87 -13.29
N VAL B 155 -0.57 -5.99 -14.31
CA VAL B 155 -1.88 -5.39 -14.25
C VAL B 155 -2.98 -6.29 -14.82
N ILE B 156 -2.66 -7.32 -15.63
CA ILE B 156 -3.76 -8.08 -16.26
C ILE B 156 -4.66 -8.81 -15.27
N GLY B 157 -4.10 -9.10 -14.11
CA GLY B 157 -4.83 -9.73 -13.04
C GLY B 157 -5.87 -8.85 -12.41
N HIS B 158 -5.89 -7.55 -12.77
CA HIS B 158 -6.94 -6.63 -12.33
C HIS B 158 -8.12 -6.52 -13.27
N LEU B 159 -8.10 -7.29 -14.38
CA LEU B 159 -9.18 -7.34 -15.32
C LEU B 159 -9.87 -8.70 -15.29
N THR B 160 -11.18 -8.72 -15.51
CA THR B 160 -11.87 -9.99 -15.77
C THR B 160 -11.42 -10.56 -17.07
N ASP B 161 -11.65 -11.87 -17.30
CA ASP B 161 -11.28 -12.50 -18.56
C ASP B 161 -11.88 -11.74 -19.74
N GLN B 162 -13.19 -11.47 -19.68
CA GLN B 162 -13.86 -10.79 -20.77
C GLN B 162 -13.26 -9.39 -20.99
N HIS B 163 -12.98 -8.64 -19.93
CA HIS B 163 -12.45 -7.30 -20.13
C HIS B 163 -11.03 -7.35 -20.64
N LEU B 164 -10.29 -8.37 -20.25
CA LEU B 164 -8.94 -8.53 -20.70
C LEU B 164 -8.92 -8.82 -22.22
N ALA B 165 -9.74 -9.77 -22.65
CA ALA B 165 -9.82 -10.10 -24.09
C ALA B 165 -10.22 -8.89 -24.89
N GLU B 166 -11.23 -8.15 -24.42
CA GLU B 166 -11.72 -6.94 -25.11
C GLU B 166 -10.66 -5.85 -25.15
N PHE B 167 -9.95 -5.64 -24.02
CA PHE B 167 -8.87 -4.68 -24.04
C PHE B 167 -7.72 -5.05 -25.04
N LEU B 168 -7.33 -6.31 -25.06
CA LEU B 168 -6.27 -6.75 -25.96
C LEU B 168 -6.70 -6.56 -27.42
N ARG B 169 -7.98 -6.80 -27.73
CA ARG B 169 -8.48 -6.52 -29.08
CA ARG B 169 -8.54 -6.51 -29.06
C ARG B 169 -8.40 -5.02 -29.40
N ARG B 170 -8.74 -4.16 -28.42
CA ARG B 170 -8.59 -2.69 -28.66
C ARG B 170 -7.12 -2.38 -28.86
N CYS B 171 -6.24 -2.97 -28.07
CA CYS B 171 -4.79 -2.77 -28.26
C CYS B 171 -4.29 -3.12 -29.62
N LYS B 172 -4.77 -4.25 -30.16
CA LYS B 172 -4.41 -4.68 -31.46
C LYS B 172 -4.64 -3.56 -32.52
N GLY B 173 -5.80 -2.90 -32.44
CA GLY B 173 -6.15 -1.87 -33.37
C GLY B 173 -5.34 -0.60 -33.25
N SER B 174 -4.64 -0.44 -32.12
CA SER B 174 -3.84 0.72 -31.86
C SER B 174 -2.36 0.52 -32.24
N LEU B 175 -1.98 -0.67 -32.70
CA LEU B 175 -0.61 -0.90 -33.08
C LEU B 175 -0.27 -0.28 -34.44
N ARG B 176 0.91 0.32 -34.53
CA ARG B 176 1.52 0.64 -35.82
C ARG B 176 1.95 -0.66 -36.56
N PRO B 177 2.28 -0.58 -37.86
CA PRO B 177 2.89 -1.74 -38.58
C PRO B 177 4.08 -2.31 -37.86
N ASN B 178 4.07 -3.62 -37.69
CA ASN B 178 5.13 -4.36 -37.02
C ASN B 178 5.14 -4.18 -35.53
N GLY B 179 4.17 -3.45 -34.99
CA GLY B 179 4.04 -3.24 -33.58
C GLY B 179 3.72 -4.53 -32.84
N ILE B 180 4.03 -4.52 -31.57
CA ILE B 180 3.74 -5.63 -30.70
C ILE B 180 3.10 -5.21 -29.38
N ILE B 181 2.40 -6.19 -28.77
CA ILE B 181 1.91 -6.08 -27.41
C ILE B 181 2.74 -7.01 -26.55
N VAL B 182 3.22 -6.52 -25.39
CA VAL B 182 3.91 -7.41 -24.43
C VAL B 182 3.08 -7.47 -23.17
N ILE B 183 2.81 -8.70 -22.74
CA ILE B 183 2.21 -8.95 -21.44
C ILE B 183 3.30 -9.54 -20.59
N LYS B 184 3.52 -9.02 -19.40
CA LYS B 184 4.45 -9.62 -18.45
C LYS B 184 3.76 -9.67 -17.07
N ASP B 185 3.61 -10.87 -16.54
CA ASP B 185 2.88 -11.02 -15.29
C ASP B 185 3.11 -12.29 -14.57
N ASN B 186 2.53 -12.37 -13.38
CA ASN B 186 2.52 -13.58 -12.57
C ASN B 186 1.63 -14.64 -13.23
N MET B 187 2.03 -15.90 -13.14
CA MET B 187 1.26 -17.00 -13.69
C MET B 187 1.05 -18.01 -12.56
N ALA B 188 -0.16 -18.53 -12.45
CA ALA B 188 -0.44 -19.57 -11.49
C ALA B 188 0.03 -20.93 -11.98
N GLN B 189 0.29 -21.87 -11.06
CA GLN B 189 0.58 -23.27 -11.43
C GLN B 189 -0.63 -23.85 -12.19
N GLU B 190 -1.83 -23.65 -11.65
CA GLU B 190 -3.02 -24.16 -12.29
C GLU B 190 -4.26 -23.29 -11.99
N GLY B 191 -5.09 -23.11 -13.02
CA GLY B 191 -6.37 -22.41 -12.89
C GLY B 191 -6.25 -20.93 -12.68
N VAL B 192 -7.25 -20.38 -11.99
CA VAL B 192 -7.34 -18.97 -11.76
C VAL B 192 -7.57 -18.77 -10.26
N ILE B 193 -6.72 -17.96 -9.65
CA ILE B 193 -6.64 -17.85 -8.19
C ILE B 193 -6.89 -16.39 -7.82
N LEU B 194 -7.89 -16.17 -6.99
CA LEU B 194 -8.24 -14.83 -6.52
C LEU B 194 -7.35 -14.46 -5.31
N ASP B 195 -6.72 -13.31 -5.40
CA ASP B 195 -6.21 -12.59 -4.23
C ASP B 195 -7.24 -11.57 -3.65
N ASP B 196 -7.89 -11.93 -2.57
CA ASP B 196 -8.91 -11.05 -1.96
C ASP B 196 -8.30 -9.82 -1.19
N VAL B 197 -6.99 -9.78 -1.01
CA VAL B 197 -6.34 -8.68 -0.29
C VAL B 197 -6.27 -7.43 -1.20
N ASP B 198 -5.81 -7.62 -2.43
CA ASP B 198 -5.69 -6.53 -3.36
C ASP B 198 -6.71 -6.60 -4.56
N SER B 199 -7.57 -7.63 -4.54
CA SER B 199 -8.65 -7.73 -5.52
C SER B 199 -8.07 -7.92 -6.91
N SER B 200 -7.31 -9.00 -7.05
CA SER B 200 -6.67 -9.41 -8.31
C SER B 200 -6.69 -10.94 -8.47
N VAL B 201 -6.47 -11.41 -9.72
CA VAL B 201 -6.36 -12.84 -9.97
C VAL B 201 -5.04 -13.12 -10.59
N CYS B 202 -4.67 -14.39 -10.50
N CYS B 202 -4.49 -14.33 -10.44
CA CYS B 202 -3.49 -14.93 -11.14
CA CYS B 202 -3.47 -14.77 -11.41
C CYS B 202 -3.93 -16.14 -11.96
C CYS B 202 -4.00 -16.02 -12.03
N ARG B 203 -3.52 -16.24 -13.23
CA ARG B 203 -4.01 -17.27 -14.13
C ARG B 203 -2.89 -18.18 -14.62
N ASP B 204 -3.22 -19.43 -14.93
CA ASP B 204 -2.20 -20.31 -15.46
C ASP B 204 -1.93 -19.99 -16.93
N LEU B 205 -0.86 -20.59 -17.44
CA LEU B 205 -0.42 -20.34 -18.80
C LEU B 205 -1.51 -20.61 -19.86
N ASP B 206 -2.25 -21.71 -19.70
CA ASP B 206 -3.27 -22.13 -20.69
C ASP B 206 -4.40 -21.10 -20.72
N VAL B 207 -4.75 -20.57 -19.54
CA VAL B 207 -5.84 -19.60 -19.46
C VAL B 207 -5.42 -18.31 -20.18
N VAL B 208 -4.19 -17.90 -19.94
CA VAL B 208 -3.67 -16.69 -20.57
C VAL B 208 -3.59 -16.87 -22.09
N ARG B 209 -3.03 -17.97 -22.53
CA ARG B 209 -2.97 -18.25 -23.96
C ARG B 209 -4.33 -18.27 -24.65
N ARG B 210 -5.32 -18.87 -24.00
CA ARG B 210 -6.70 -18.89 -24.53
C ARG B 210 -7.28 -17.47 -24.69
N ILE B 211 -7.04 -16.62 -23.72
CA ILE B 211 -7.55 -15.26 -23.77
C ILE B 211 -6.85 -14.46 -24.88
N ILE B 212 -5.55 -14.65 -25.04
CA ILE B 212 -4.79 -14.04 -26.11
C ILE B 212 -5.37 -14.46 -27.48
N CYS B 213 -5.62 -15.75 -27.60
CA CYS B 213 -6.15 -16.30 -28.84
C CYS B 213 -7.60 -15.76 -29.10
N SER B 214 -8.43 -15.65 -28.07
CA SER B 214 -9.79 -15.05 -28.26
C SER B 214 -9.74 -13.56 -28.68
N ALA B 215 -8.64 -12.91 -28.37
CA ALA B 215 -8.44 -11.52 -28.76
C ALA B 215 -7.96 -11.35 -30.23
N GLY B 216 -7.74 -12.45 -30.95
CA GLY B 216 -7.28 -12.43 -32.37
C GLY B 216 -5.79 -12.07 -32.47
N LEU B 217 -5.02 -12.38 -31.41
CA LEU B 217 -3.61 -12.11 -31.34
C LEU B 217 -2.84 -13.39 -31.49
N SER B 218 -1.66 -13.28 -32.08
CA SER B 218 -0.73 -14.38 -32.24
C SER B 218 0.43 -14.24 -31.28
N LEU B 219 0.92 -15.37 -30.80
CA LEU B 219 2.03 -15.44 -29.89
C LEU B 219 3.34 -15.44 -30.65
N LEU B 220 4.16 -14.42 -30.47
CA LEU B 220 5.43 -14.32 -31.15
C LEU B 220 6.56 -14.89 -30.32
N ALA B 221 6.52 -14.76 -28.99
CA ALA B 221 7.55 -15.30 -28.14
C ALA B 221 6.99 -15.37 -26.73
N GLU B 222 7.57 -16.26 -25.96
CA GLU B 222 7.17 -16.49 -24.57
C GLU B 222 8.45 -16.77 -23.82
N GLU B 223 8.58 -16.16 -22.64
CA GLU B 223 9.77 -16.37 -21.84
C GLU B 223 9.50 -16.28 -20.35
N ARG B 224 10.07 -17.20 -19.61
CA ARG B 224 10.00 -17.19 -18.15
C ARG B 224 11.10 -16.27 -17.58
N GLN B 225 10.74 -15.46 -16.61
CA GLN B 225 11.71 -14.60 -15.93
C GLN B 225 12.59 -15.42 -14.97
N GLU B 226 13.90 -15.23 -15.10
CA GLU B 226 14.88 -16.00 -14.33
C GLU B 226 15.24 -15.16 -13.09
N ASN B 227 15.91 -15.80 -12.15
CA ASN B 227 16.53 -15.13 -11.03
C ASN B 227 15.60 -14.44 -10.06
N LEU B 228 14.38 -14.95 -9.89
CA LEU B 228 13.43 -14.41 -8.94
C LEU B 228 13.49 -15.18 -7.62
N PRO B 229 13.10 -14.53 -6.52
CA PRO B 229 12.94 -15.30 -5.27
C PRO B 229 12.04 -16.51 -5.46
N ASP B 230 12.39 -17.57 -4.76
CA ASP B 230 11.68 -18.83 -4.91
C ASP B 230 10.24 -18.77 -4.42
N GLU B 231 9.92 -17.88 -3.48
CA GLU B 231 8.59 -17.91 -2.85
C GLU B 231 7.49 -17.23 -3.67
N ILE B 232 7.84 -16.53 -4.76
CA ILE B 232 6.85 -15.76 -5.51
C ILE B 232 6.30 -16.53 -6.74
N TYR B 233 5.15 -16.11 -7.25
CA TYR B 233 4.61 -16.66 -8.48
C TYR B 233 5.68 -16.51 -9.55
N HIS B 234 5.82 -17.56 -10.35
CA HIS B 234 6.62 -17.46 -11.57
C HIS B 234 6.10 -16.33 -12.46
N VAL B 235 7.01 -15.67 -13.19
CA VAL B 235 6.66 -14.56 -14.05
C VAL B 235 7.01 -14.89 -15.51
N TYR B 236 6.11 -14.57 -16.42
CA TYR B 236 6.27 -14.84 -17.87
C TYR B 236 6.02 -13.57 -18.66
N SER B 237 6.76 -13.43 -19.78
CA SER B 237 6.57 -12.41 -20.78
C SER B 237 6.07 -13.10 -22.07
N PHE B 238 5.12 -12.43 -22.73
CA PHE B 238 4.51 -12.85 -23.96
C PHE B 238 4.57 -11.65 -24.95
N ALA B 239 5.05 -11.88 -26.16
CA ALA B 239 5.04 -10.88 -27.20
C ALA B 239 4.01 -11.33 -28.20
N LEU B 240 3.16 -10.41 -28.59
CA LEU B 240 1.98 -10.70 -29.39
C LEU B 240 1.78 -9.65 -30.48
N ARG B 241 1.16 -10.05 -31.57
CA ARG B 241 0.54 -9.07 -32.46
C ARG B 241 -0.62 -9.67 -33.25
N ARG C 1 6.45 1.72 15.28
CA ARG C 1 6.52 1.37 13.82
C ARG C 1 6.58 -0.14 13.64
N PRO C 2 6.12 -0.67 12.49
CA PRO C 2 6.27 -2.12 12.27
C PRO C 2 7.74 -2.51 12.14
N LYS C 3 8.10 -3.71 12.59
CA LYS C 3 9.50 -4.10 12.63
C LYS C 3 9.72 -5.58 12.76
N ARG C 4 10.89 -6.01 12.31
CA ARG C 4 11.32 -7.39 12.38
C ARG C 4 11.41 -7.79 13.86
N ILE C 5 10.93 -9.00 14.15
CA ILE C 5 11.07 -9.60 15.44
C ILE C 5 12.56 -9.72 15.77
N ALA C 6 12.96 -9.09 16.86
CA ALA C 6 14.33 -9.17 17.34
C ALA C 6 14.66 -10.60 17.79
N ARG D 1 1.61 -6.91 -9.13
CA ARG D 1 2.89 -6.92 -8.37
C ARG D 1 3.40 -8.35 -8.18
N PRO D 2 4.72 -8.53 -8.11
CA PRO D 2 5.21 -9.82 -7.66
C PRO D 2 4.69 -10.13 -6.25
N LYS D 3 4.39 -11.39 -5.97
CA LYS D 3 3.84 -11.76 -4.67
C LYS D 3 4.06 -13.23 -4.30
N ARG D 4 4.13 -13.50 -2.98
CA ARG D 4 4.31 -14.86 -2.46
C ARG D 4 3.17 -15.77 -2.96
N ILE D 5 3.50 -17.01 -3.33
CA ILE D 5 2.47 -17.99 -3.75
C ILE D 5 1.53 -18.23 -2.55
N ALA D 6 0.22 -18.18 -2.77
CA ALA D 6 -0.74 -18.21 -1.65
C ALA D 6 -0.84 -19.63 -1.07
#